data_1FON
#
_entry.id   1FON
#
_cell.length_a   49.300
_cell.length_b   82.700
_cell.length_c   58.700
_cell.angle_alpha   90.00
_cell.angle_beta   97.90
_cell.angle_gamma   90.00
#
_symmetry.space_group_name_H-M   'P 1 21 1'
#
loop_
_entity.id
_entity.type
_entity.pdbx_description
1 polymer 'PROCARBOXYPEPTIDASE A-S6'
2 water water
#
_entity_poly.entity_id   1
_entity_poly.type   'polypeptide(L)'
_entity_poly.pdbx_seq_one_letter_code
;NGEDAVPYSWSWQVSLQYEKDGAFHHTCGGSLIAPDWVVTAGHCISTSRTYQVVLGEYDRSVLEGSEQVIPINAGDLFVH
PLWNSNCVACGNDIALVKLSRSAQLGDKVQLANLPPAGDILPNEAPCYISGWGRLYTGGPLPDKLQQALLPTVDYEHCSQ
WDWWGITVKKTMVCAGGDTRSGCNGDSGGPLNCPAADGSWQVHGVTSFVSAFGCNTIKKPTVFTRVSAFIDWIDETIASN
;
_entity_poly.pdbx_strand_id   A,B
#
# COMPACT_ATOMS: atom_id res chain seq x y z
N SER A 9 -11.28 -20.25 -13.29
CA SER A 9 -10.63 -19.16 -14.08
C SER A 9 -9.12 -19.24 -13.89
N TRP A 10 -8.39 -19.44 -15.00
CA TRP A 10 -6.94 -19.52 -14.92
C TRP A 10 -6.32 -18.20 -15.39
N SER A 11 -5.22 -17.83 -14.75
CA SER A 11 -4.47 -16.66 -15.17
C SER A 11 -2.96 -16.91 -15.04
N TRP A 12 -2.16 -16.10 -15.72
CA TRP A 12 -0.72 -16.10 -15.50
C TRP A 12 -0.37 -14.81 -14.75
N GLN A 13 0.30 -14.93 -13.62
CA GLN A 13 0.60 -13.78 -12.83
C GLN A 13 2.07 -13.52 -12.99
N VAL A 14 2.42 -12.24 -12.89
CA VAL A 14 3.77 -11.76 -13.10
C VAL A 14 4.28 -11.10 -11.85
N SER A 15 5.55 -11.40 -11.55
CA SER A 15 6.31 -10.65 -10.58
C SER A 15 7.62 -10.21 -11.25
N LEU A 16 7.85 -8.90 -11.29
CA LEU A 16 9.08 -8.34 -11.83
C LEU A 16 9.99 -8.10 -10.66
N GLN A 17 11.22 -8.60 -10.71
CA GLN A 17 12.09 -8.52 -9.56
C GLN A 17 13.45 -7.97 -9.93
N TYR A 18 14.07 -7.26 -9.00
CA TYR A 18 15.40 -6.75 -9.25
C TYR A 18 16.39 -7.32 -8.24
N GLU A 19 17.64 -7.43 -8.65
CA GLU A 19 18.66 -7.96 -7.77
C GLU A 19 19.33 -6.88 -6.92
N LYS A 20 19.40 -7.14 -5.62
CA LYS A 20 20.22 -6.37 -4.71
C LYS A 20 20.66 -7.32 -3.61
N ASP A 21 21.91 -7.16 -3.20
CA ASP A 21 22.45 -7.93 -2.09
C ASP A 21 22.37 -9.44 -2.34
N GLY A 22 22.64 -9.83 -3.58
CA GLY A 22 22.64 -11.24 -3.88
C GLY A 22 21.28 -11.86 -3.66
N ALA A 23 20.24 -11.09 -3.92
CA ALA A 23 18.90 -11.63 -3.97
C ALA A 23 17.98 -10.73 -4.82
N PHE A 24 16.98 -11.37 -5.41
CA PHE A 24 15.94 -10.72 -6.20
C PHE A 24 14.73 -10.35 -5.35
N HIS A 25 14.18 -9.16 -5.58
CA HIS A 25 13.10 -8.62 -4.78
C HIS A 25 11.94 -8.23 -5.65
N HIS A 26 10.73 -8.67 -5.32
CA HIS A 26 9.55 -8.27 -6.08
C HIS A 26 9.44 -6.74 -6.05
N THR A 27 9.16 -6.15 -7.22
CA THR A 27 8.95 -4.73 -7.29
C THR A 27 7.61 -4.35 -7.93
N CYS A 28 7.13 -5.17 -8.85
CA CYS A 28 5.87 -4.87 -9.51
C CYS A 28 5.22 -6.09 -10.09
N GLY A 29 3.90 -6.00 -10.26
CA GLY A 29 3.21 -6.95 -11.06
C GLY A 29 3.32 -6.50 -12.50
N GLY A 30 2.37 -6.93 -13.30
CA GLY A 30 2.46 -6.75 -14.72
C GLY A 30 1.50 -7.70 -15.39
N SER A 31 1.39 -7.59 -16.71
CA SER A 31 0.39 -8.32 -17.42
C SER A 31 1.04 -9.00 -18.58
N LEU A 32 1.03 -10.32 -18.54
CA LEU A 32 1.64 -11.14 -19.59
C LEU A 32 0.72 -11.08 -20.78
N ILE A 33 1.15 -10.40 -21.85
CA ILE A 33 0.25 -10.24 -22.98
C ILE A 33 0.64 -11.15 -24.13
N ALA A 34 1.92 -11.51 -24.15
CA ALA A 34 2.49 -12.44 -25.13
C ALA A 34 3.47 -13.34 -24.36
N PRO A 35 3.81 -14.50 -24.93
CA PRO A 35 4.63 -15.44 -24.19
C PRO A 35 5.99 -14.86 -23.90
N ASP A 36 6.38 -13.82 -24.62
CA ASP A 36 7.59 -13.13 -24.17
C ASP A 36 7.49 -11.62 -23.98
N TRP A 37 6.26 -11.12 -23.82
CA TRP A 37 6.09 -9.70 -23.50
C TRP A 37 5.26 -9.47 -22.21
N VAL A 38 5.77 -8.60 -21.36
CA VAL A 38 5.00 -8.16 -20.21
C VAL A 38 4.76 -6.63 -20.30
N VAL A 39 3.52 -6.20 -20.09
CA VAL A 39 3.20 -4.77 -19.88
C VAL A 39 3.12 -4.46 -18.38
N THR A 40 3.89 -3.48 -17.95
CA THR A 40 3.89 -3.06 -16.55
C THR A 40 4.02 -1.54 -16.48
N ALA A 41 4.20 -0.99 -15.28
CA ALA A 41 4.37 0.45 -15.13
C ALA A 41 5.81 0.86 -15.37
N GLY A 42 5.97 2.02 -16.03
CA GLY A 42 7.32 2.53 -16.21
C GLY A 42 8.03 2.74 -14.90
N HIS A 43 7.29 3.11 -13.84
CA HIS A 43 7.95 3.43 -12.58
C HIS A 43 8.65 2.17 -12.01
N CYS A 44 8.39 1.03 -12.62
CA CYS A 44 8.91 -0.24 -12.10
C CYS A 44 10.36 -0.49 -12.52
N ILE A 45 10.83 0.26 -13.52
CA ILE A 45 12.13 -0.01 -14.15
C ILE A 45 13.24 1.07 -14.02
N SER A 46 14.40 0.63 -13.55
CA SER A 46 15.66 1.36 -13.75
C SER A 46 16.50 0.36 -14.50
N THR A 47 16.95 0.72 -15.71
CA THR A 47 17.66 -0.25 -16.55
C THR A 47 19.09 -0.58 -16.03
N SER A 48 19.45 0.02 -14.89
CA SER A 48 20.69 -0.23 -14.18
C SER A 48 20.62 -1.48 -13.31
N ARG A 49 19.44 -1.76 -12.76
CA ARG A 49 19.24 -2.92 -11.92
C ARG A 49 19.09 -4.14 -12.82
N THR A 50 19.50 -5.28 -12.28
CA THR A 50 19.30 -6.55 -12.96
C THR A 50 17.89 -7.07 -12.67
N TYR A 51 17.15 -7.41 -13.71
CA TYR A 51 15.78 -7.82 -13.55
C TYR A 51 15.62 -9.27 -13.92
N GLN A 52 14.65 -9.91 -13.28
CA GLN A 52 14.13 -11.19 -13.74
C GLN A 52 12.62 -11.13 -13.55
N VAL A 53 11.91 -11.92 -14.35
CA VAL A 53 10.47 -12.08 -14.23
C VAL A 53 10.12 -13.47 -13.68
N VAL A 54 9.29 -13.50 -12.65
CA VAL A 54 8.79 -14.76 -12.14
C VAL A 54 7.31 -14.86 -12.50
N LEU A 55 6.95 -15.98 -13.12
CA LEU A 55 5.58 -16.27 -13.56
C LEU A 55 5.02 -17.43 -12.75
N GLY A 56 3.71 -17.42 -12.59
CA GLY A 56 3.05 -18.47 -11.85
C GLY A 56 1.63 -18.55 -12.34
N GLU A 57 1.16 -19.76 -12.56
CA GLU A 57 -0.17 -19.97 -13.13
C GLU A 57 -1.09 -20.26 -11.98
N TYR A 58 -2.29 -19.69 -12.04
CA TYR A 58 -3.24 -19.81 -10.96
C TYR A 58 -4.52 -20.29 -11.51
N ASP A 59 -5.10 -21.25 -10.82
CA ASP A 59 -6.45 -21.68 -11.13
C ASP A 59 -7.26 -21.13 -9.98
N ARG A 60 -8.17 -20.24 -10.33
CA ARG A 60 -8.91 -19.47 -9.34
C ARG A 60 -7.83 -18.64 -8.62
N SER A 61 -7.69 -18.80 -7.32
CA SER A 61 -6.68 -18.06 -6.59
C SER A 61 -5.62 -19.02 -6.12
N VAL A 62 -5.54 -20.21 -6.75
CA VAL A 62 -4.65 -21.27 -6.29
C VAL A 62 -3.50 -21.50 -7.26
N LEU A 63 -2.28 -21.51 -6.75
CA LEU A 63 -1.12 -21.69 -7.58
C LEU A 63 -1.08 -23.15 -8.07
N GLU A 64 -0.89 -23.35 -9.38
CA GLU A 64 -0.77 -24.69 -10.00
C GLU A 64 0.59 -24.89 -10.70
N GLY A 65 1.24 -26.02 -10.40
CA GLY A 65 2.53 -26.30 -10.99
C GLY A 65 3.61 -25.46 -10.36
N SER A 66 4.65 -25.20 -11.13
CA SER A 66 5.81 -24.48 -10.64
C SER A 66 5.97 -23.11 -11.32
N GLU A 67 6.57 -22.19 -10.57
CA GLU A 67 6.89 -20.86 -11.06
C GLU A 67 7.99 -20.99 -12.12
N GLN A 68 7.99 -20.08 -13.09
CA GLN A 68 9.06 -20.04 -14.08
C GLN A 68 9.78 -18.74 -13.82
N VAL A 69 11.10 -18.80 -13.87
CA VAL A 69 11.96 -17.66 -13.55
C VAL A 69 12.76 -17.36 -14.81
N ILE A 70 12.66 -16.12 -15.29
CA ILE A 70 13.22 -15.74 -16.59
C ILE A 70 14.05 -14.47 -16.45
N PRO A 71 15.36 -14.56 -16.70
CA PRO A 71 16.19 -13.35 -16.69
C PRO A 71 15.89 -12.35 -17.86
N ILE A 72 16.19 -11.08 -17.64
CA ILE A 72 15.90 -10.01 -18.60
C ILE A 72 17.20 -9.26 -18.92
N ASN A 73 17.47 -9.12 -20.23
CA ASN A 73 18.61 -8.36 -20.71
C ASN A 73 18.32 -6.86 -20.61
N ALA A 74 19.29 -6.08 -20.17
CA ALA A 74 19.13 -4.61 -20.15
C ALA A 74 18.87 -4.25 -21.61
N GLY A 75 17.88 -3.45 -21.92
CA GLY A 75 17.66 -3.21 -23.34
C GLY A 75 16.56 -4.07 -23.92
N ASP A 76 16.17 -5.08 -23.17
CA ASP A 76 14.87 -5.70 -23.39
C ASP A 76 13.83 -5.00 -22.48
N LEU A 77 14.24 -3.93 -21.81
CA LEU A 77 13.30 -3.13 -21.02
C LEU A 77 12.93 -1.90 -21.83
N PHE A 78 11.66 -1.76 -22.14
CA PHE A 78 11.19 -0.63 -22.96
C PHE A 78 10.28 0.33 -22.16
N VAL A 79 10.90 1.32 -21.51
CA VAL A 79 10.17 2.34 -20.75
C VAL A 79 9.62 3.39 -21.71
N HIS A 80 8.35 3.80 -21.52
CA HIS A 80 7.77 4.81 -22.41
C HIS A 80 8.67 6.04 -22.41
N PRO A 81 8.90 6.63 -23.60
CA PRO A 81 9.90 7.69 -23.75
C PRO A 81 9.46 8.95 -23.02
N LEU A 82 8.16 9.11 -22.79
CA LEU A 82 7.69 10.26 -22.01
C LEU A 82 7.55 10.02 -20.49
N TRP A 83 7.82 8.80 -20.03
CA TRP A 83 7.71 8.51 -18.60
C TRP A 83 8.76 9.31 -17.87
N ASN A 84 8.33 9.98 -16.80
CA ASN A 84 9.23 10.78 -15.97
C ASN A 84 8.81 10.54 -14.53
N SER A 85 9.64 9.84 -13.77
CA SER A 85 9.31 9.46 -12.41
C SER A 85 9.24 10.64 -11.47
N ASN A 86 9.68 11.80 -11.94
CA ASN A 86 9.55 12.99 -11.13
C ASN A 86 8.23 13.67 -11.31
N CYS A 87 7.41 13.13 -12.21
CA CYS A 87 6.09 13.68 -12.45
C CYS A 87 5.08 12.56 -12.72
N VAL A 88 4.57 11.95 -11.68
CA VAL A 88 3.65 10.84 -11.89
C VAL A 88 2.39 11.34 -12.53
N ALA A 89 2.00 12.57 -12.21
CA ALA A 89 0.74 13.09 -12.73
C ALA A 89 0.86 13.52 -14.20
N CYS A 90 2.08 13.47 -14.73
CA CYS A 90 2.28 13.67 -16.18
C CYS A 90 1.85 12.45 -17.01
N GLY A 91 1.56 11.34 -16.31
CA GLY A 91 1.12 10.13 -16.99
C GLY A 91 2.25 9.42 -17.73
N ASN A 92 1.90 8.59 -18.71
CA ASN A 92 2.90 7.85 -19.48
C ASN A 92 3.63 6.77 -18.67
N ASP A 93 3.02 6.37 -17.56
CA ASP A 93 3.64 5.40 -16.66
C ASP A 93 3.41 4.01 -17.21
N ILE A 94 4.18 3.65 -18.22
CA ILE A 94 3.95 2.38 -18.89
C ILE A 94 5.25 1.90 -19.53
N ALA A 95 5.41 0.58 -19.51
CA ALA A 95 6.61 -0.07 -19.99
C ALA A 95 6.29 -1.50 -20.47
N LEU A 96 7.13 -1.93 -21.41
CA LEU A 96 7.08 -3.30 -21.92
C LEU A 96 8.38 -3.95 -21.50
N VAL A 97 8.29 -5.24 -21.16
CA VAL A 97 9.46 -6.03 -20.82
C VAL A 97 9.48 -7.27 -21.72
N LYS A 98 10.50 -7.35 -22.57
CA LYS A 98 10.62 -8.55 -23.35
C LYS A 98 11.42 -9.58 -22.56
N LEU A 99 10.82 -10.76 -22.41
CA LEU A 99 11.45 -11.89 -21.71
C LEU A 99 12.62 -12.40 -22.56
N SER A 100 13.70 -12.85 -21.93
CA SER A 100 14.85 -13.33 -22.69
C SER A 100 14.57 -14.67 -23.38
N ARG A 101 13.54 -15.39 -22.91
CA ARG A 101 12.98 -16.52 -23.65
C ARG A 101 11.51 -16.59 -23.36
N SER A 102 10.76 -17.25 -24.21
CA SER A 102 9.31 -17.35 -24.05
C SER A 102 8.97 -18.19 -22.86
N ALA A 103 8.00 -17.71 -22.10
CA ALA A 103 7.44 -18.52 -21.03
C ALA A 103 6.79 -19.74 -21.69
N GLN A 104 6.76 -20.84 -20.95
CA GLN A 104 6.03 -22.03 -21.35
C GLN A 104 4.64 -21.95 -20.72
N LEU A 105 3.63 -21.80 -21.54
CA LEU A 105 2.33 -21.46 -21.03
C LEU A 105 1.32 -22.60 -21.02
N GLY A 106 1.62 -23.69 -21.70
CA GLY A 106 0.61 -24.72 -21.90
C GLY A 106 -0.53 -24.07 -22.66
N ASP A 107 -1.77 -24.42 -22.35
CA ASP A 107 -2.87 -23.75 -22.99
C ASP A 107 -4.12 -23.57 -22.11
N LYS A 108 -3.95 -23.53 -20.80
CA LYS A 108 -5.08 -23.37 -19.88
C LYS A 108 -5.65 -21.96 -19.91
N VAL A 109 -4.79 -20.97 -20.10
CA VAL A 109 -5.21 -19.59 -19.92
C VAL A 109 -5.13 -18.74 -21.18
N GLN A 110 -6.21 -18.02 -21.44
CA GLN A 110 -6.28 -17.06 -22.55
C GLN A 110 -5.68 -15.74 -22.05
N LEU A 111 -4.53 -15.35 -22.58
CA LEU A 111 -3.84 -14.16 -22.11
C LEU A 111 -4.71 -12.90 -22.29
N ALA A 112 -4.61 -11.98 -21.35
CA ALA A 112 -5.39 -10.74 -21.39
C ALA A 112 -5.13 -9.99 -22.70
N ASN A 113 -6.23 -9.58 -23.33
CA ASN A 113 -6.18 -8.82 -24.58
C ASN A 113 -5.90 -7.35 -24.37
N LEU A 114 -5.14 -6.78 -25.29
CA LEU A 114 -4.94 -5.34 -25.36
C LEU A 114 -6.27 -4.74 -25.81
N PRO A 115 -6.79 -3.71 -25.11
CA PRO A 115 -8.08 -3.10 -25.47
C PRO A 115 -7.98 -2.32 -26.81
N PRO A 116 -9.13 -2.03 -27.45
CA PRO A 116 -9.09 -1.21 -28.67
C PRO A 116 -8.51 0.17 -28.39
N ALA A 117 -7.65 0.65 -29.29
CA ALA A 117 -7.05 1.97 -29.14
C ALA A 117 -8.11 3.02 -28.85
N GLY A 118 -7.82 3.84 -27.86
CA GLY A 118 -8.71 4.92 -27.45
C GLY A 118 -9.96 4.53 -26.68
N ASP A 119 -10.08 3.25 -26.33
CA ASP A 119 -11.26 2.76 -25.63
C ASP A 119 -11.33 3.33 -24.18
N ILE A 120 -12.46 3.95 -23.84
CA ILE A 120 -12.69 4.55 -22.52
C ILE A 120 -13.83 3.78 -21.88
N LEU A 121 -13.62 3.32 -20.66
CA LEU A 121 -14.64 2.57 -19.91
C LEU A 121 -15.77 3.44 -19.35
N PRO A 122 -16.99 2.89 -19.28
CA PRO A 122 -18.08 3.66 -18.68
C PRO A 122 -17.90 3.83 -17.17
N ASN A 123 -18.45 4.90 -16.61
CA ASN A 123 -18.51 5.05 -15.17
C ASN A 123 -19.14 3.81 -14.54
N GLU A 124 -18.50 3.32 -13.48
CA GLU A 124 -18.95 2.17 -12.70
C GLU A 124 -18.69 0.85 -13.37
N ALA A 125 -17.93 0.84 -14.45
CA ALA A 125 -17.58 -0.39 -15.14
C ALA A 125 -16.91 -1.37 -14.20
N PRO A 126 -17.41 -2.62 -14.16
CA PRO A 126 -16.76 -3.66 -13.34
C PRO A 126 -15.44 -4.10 -13.93
N CYS A 127 -14.36 -3.79 -13.22
CA CYS A 127 -13.05 -4.32 -13.58
C CYS A 127 -12.49 -5.01 -12.35
N TYR A 128 -11.38 -5.73 -12.52
CA TYR A 128 -10.78 -6.51 -11.45
C TYR A 128 -9.30 -6.33 -11.40
N ILE A 129 -8.78 -6.42 -10.18
CA ILE A 129 -7.37 -6.40 -9.97
C ILE A 129 -7.07 -7.72 -9.28
N SER A 130 -5.89 -8.24 -9.57
CA SER A 130 -5.42 -9.46 -8.94
C SER A 130 -4.00 -9.22 -8.54
N GLY A 131 -3.53 -9.90 -7.51
CA GLY A 131 -2.14 -9.78 -7.14
C GLY A 131 -1.91 -10.37 -5.77
N TRP A 132 -0.80 -10.00 -5.14
CA TRP A 132 -0.46 -10.51 -3.83
C TRP A 132 -0.58 -9.42 -2.77
N GLY A 133 -1.36 -8.38 -3.07
CA GLY A 133 -1.61 -7.32 -2.12
C GLY A 133 -0.35 -6.63 -1.63
N ARG A 134 0.66 -6.55 -2.50
CA ARG A 134 2.03 -6.09 -2.21
C ARG A 134 2.72 -6.69 -0.99
N LEU A 135 2.23 -7.85 -0.54
CA LEU A 135 2.86 -8.54 0.58
C LEU A 135 3.92 -9.55 0.15
N TYR A 136 3.95 -9.89 -1.14
CA TYR A 136 4.98 -10.80 -1.65
C TYR A 136 6.23 -9.99 -1.99
N THR A 137 7.38 -10.43 -1.47
CA THR A 137 8.62 -9.67 -1.55
C THR A 137 9.73 -10.32 -2.36
N GLY A 138 9.58 -11.60 -2.69
CA GLY A 138 10.62 -12.35 -3.36
C GLY A 138 10.55 -13.79 -2.89
N GLY A 139 11.26 -14.69 -3.57
CA GLY A 139 11.23 -16.08 -3.16
C GLY A 139 10.09 -16.83 -3.79
N PRO A 140 9.76 -18.02 -3.30
CA PRO A 140 8.67 -18.83 -3.88
C PRO A 140 7.37 -18.05 -3.96
N LEU A 141 6.71 -18.13 -5.10
CA LEU A 141 5.46 -17.39 -5.30
C LEU A 141 4.46 -17.86 -4.25
N PRO A 142 3.61 -16.95 -3.74
CA PRO A 142 2.49 -17.30 -2.87
C PRO A 142 1.56 -18.35 -3.47
N ASP A 143 1.08 -19.27 -2.64
CA ASP A 143 0.21 -20.32 -3.13
C ASP A 143 -1.19 -19.78 -3.37
N LYS A 144 -1.44 -18.57 -2.88
CA LYS A 144 -2.72 -17.93 -3.11
C LYS A 144 -2.60 -16.54 -3.76
N LEU A 145 -3.63 -16.18 -4.48
CA LEU A 145 -3.68 -14.92 -5.20
C LEU A 145 -4.83 -14.15 -4.59
N GLN A 146 -4.68 -12.83 -4.47
CA GLN A 146 -5.79 -11.94 -4.10
C GLN A 146 -6.39 -11.32 -5.40
N GLN A 147 -7.72 -11.22 -5.42
CA GLN A 147 -8.44 -10.65 -6.55
C GLN A 147 -9.57 -9.85 -5.99
N ALA A 148 -9.94 -8.76 -6.64
CA ALA A 148 -11.00 -7.90 -6.14
C ALA A 148 -11.64 -7.10 -7.27
N LEU A 149 -12.91 -6.76 -7.05
CA LEU A 149 -13.67 -5.92 -7.96
C LEU A 149 -13.39 -4.47 -7.64
N LEU A 150 -12.93 -3.73 -8.64
CA LEU A 150 -12.67 -2.29 -8.54
C LEU A 150 -13.43 -1.58 -9.66
N PRO A 151 -14.65 -1.09 -9.39
CA PRO A 151 -15.43 -0.44 -10.45
C PRO A 151 -14.77 0.86 -10.89
N THR A 152 -14.82 1.19 -12.18
CA THR A 152 -14.20 2.45 -12.58
C THR A 152 -15.00 3.73 -12.33
N VAL A 153 -14.23 4.76 -12.06
CA VAL A 153 -14.72 6.09 -11.77
C VAL A 153 -14.25 6.88 -13.00
N ASP A 154 -15.19 7.29 -13.84
CA ASP A 154 -14.82 7.94 -15.10
C ASP A 154 -14.18 9.31 -14.83
N TYR A 155 -13.52 9.86 -15.84
CA TYR A 155 -12.73 11.07 -15.68
C TYR A 155 -13.54 12.18 -15.02
N GLU A 156 -14.79 12.31 -15.42
CA GLU A 156 -15.68 13.35 -14.93
C GLU A 156 -15.86 13.28 -13.41
N HIS A 157 -15.94 12.07 -12.88
CA HIS A 157 -16.12 11.86 -11.45
C HIS A 157 -14.80 11.87 -10.72
N CYS A 158 -13.80 11.28 -11.34
CA CYS A 158 -12.50 11.19 -10.70
C CYS A 158 -11.86 12.56 -10.54
N SER A 159 -12.18 13.48 -11.45
CA SER A 159 -11.58 14.82 -11.42
C SER A 159 -12.40 15.83 -10.61
N GLN A 160 -13.37 15.35 -9.85
CA GLN A 160 -14.06 16.24 -8.93
C GLN A 160 -13.02 16.72 -7.92
N TRP A 161 -13.19 17.95 -7.44
CA TRP A 161 -12.27 18.60 -6.52
C TRP A 161 -11.90 17.78 -5.26
N ASP A 162 -12.88 17.07 -4.70
CA ASP A 162 -12.69 16.26 -3.51
C ASP A 162 -12.27 14.82 -3.83
N TRP A 163 -12.12 14.51 -5.12
CA TRP A 163 -11.58 13.24 -5.52
C TRP A 163 -10.14 13.49 -5.95
N TRP A 164 -9.78 13.27 -7.21
CA TRP A 164 -8.40 13.55 -7.63
C TRP A 164 -8.22 14.94 -8.24
N GLY A 165 -9.32 15.67 -8.40
CA GLY A 165 -9.20 17.04 -8.90
C GLY A 165 -8.45 17.18 -10.20
N ILE A 166 -7.48 18.09 -10.23
CA ILE A 166 -6.72 18.37 -11.46
C ILE A 166 -5.48 17.45 -11.60
N THR A 167 -5.32 16.49 -10.69
CA THR A 167 -4.18 15.59 -10.72
C THR A 167 -4.26 14.53 -11.83
N VAL A 168 -5.47 14.12 -12.17
CA VAL A 168 -5.65 13.08 -13.18
C VAL A 168 -5.83 13.66 -14.58
N LYS A 169 -5.28 12.94 -15.55
CA LYS A 169 -5.41 13.23 -16.98
C LYS A 169 -6.36 12.22 -17.63
N LYS A 170 -6.84 12.51 -18.83
CA LYS A 170 -7.68 11.56 -19.50
C LYS A 170 -6.97 10.31 -19.99
N THR A 171 -5.65 10.28 -19.91
CA THR A 171 -4.91 9.06 -20.21
C THR A 171 -4.75 8.16 -18.95
N MET A 172 -5.62 8.35 -17.95
CA MET A 172 -5.60 7.56 -16.73
C MET A 172 -6.98 7.01 -16.48
N VAL A 173 -7.04 5.90 -15.76
CA VAL A 173 -8.31 5.35 -15.33
C VAL A 173 -8.26 5.32 -13.82
N CYS A 174 -9.34 5.73 -13.19
CA CYS A 174 -9.48 5.60 -11.74
C CYS A 174 -10.41 4.45 -11.44
N ALA A 175 -10.15 3.72 -10.37
CA ALA A 175 -11.05 2.63 -10.04
C ALA A 175 -11.05 2.49 -8.56
N GLY A 176 -12.23 2.36 -7.98
CA GLY A 176 -12.36 2.26 -6.54
C GLY A 176 -12.66 3.57 -5.81
N GLY A 177 -12.01 3.78 -4.66
CA GLY A 177 -12.20 4.99 -3.88
C GLY A 177 -13.41 5.05 -2.95
N ASP A 178 -14.10 3.92 -2.81
CA ASP A 178 -15.23 3.79 -1.88
C ASP A 178 -14.87 2.73 -0.83
N THR A 179 -15.82 1.86 -0.52
CA THR A 179 -15.69 0.85 0.52
C THR A 179 -14.70 -0.27 0.15
N ARG A 180 -14.75 -0.70 -1.11
CA ARG A 180 -13.77 -1.66 -1.64
C ARG A 180 -12.47 -0.91 -1.92
N SER A 181 -11.35 -1.51 -1.50
CA SER A 181 -10.02 -0.92 -1.72
C SER A 181 -9.32 -1.62 -2.87
N GLY A 182 -8.26 -0.98 -3.36
CA GLY A 182 -7.44 -1.59 -4.36
C GLY A 182 -6.19 -2.12 -3.72
N CYS A 183 -6.24 -2.52 -2.45
CA CYS A 183 -5.01 -2.97 -1.83
C CYS A 183 -4.62 -4.37 -2.19
N ASN A 184 -5.52 -5.11 -2.84
CA ASN A 184 -5.25 -6.51 -3.20
C ASN A 184 -4.30 -6.66 -4.37
N GLY A 185 -4.08 -5.56 -5.09
CA GLY A 185 -3.20 -5.61 -6.25
C GLY A 185 -1.74 -5.35 -5.95
N ASP A 186 -0.99 -5.10 -7.00
CA ASP A 186 0.38 -4.77 -6.87
C ASP A 186 0.68 -3.49 -7.67
N SER A 187 1.78 -2.86 -7.31
CA SER A 187 2.35 -1.75 -8.05
C SER A 187 2.62 -2.27 -9.47
N GLY A 188 2.10 -1.55 -10.47
CA GLY A 188 2.28 -1.99 -11.86
C GLY A 188 1.31 -3.08 -12.26
N GLY A 189 0.46 -3.47 -11.32
CA GLY A 189 -0.46 -4.58 -11.53
C GLY A 189 -1.61 -4.22 -12.46
N PRO A 190 -2.21 -5.22 -13.14
CA PRO A 190 -3.15 -4.91 -14.23
C PRO A 190 -4.55 -4.65 -13.71
N LEU A 191 -5.29 -3.78 -14.40
CA LEU A 191 -6.70 -3.63 -14.20
C LEU A 191 -7.34 -4.32 -15.41
N ASN A 192 -8.01 -5.45 -15.14
CA ASN A 192 -8.65 -6.28 -16.17
C ASN A 192 -10.13 -6.03 -16.20
N CYS A 193 -10.68 -5.91 -17.41
CA CYS A 193 -12.09 -5.69 -17.56
C CYS A 193 -12.61 -6.59 -18.69
N PRO A 194 -13.84 -7.12 -18.53
CA PRO A 194 -14.55 -8.00 -19.47
C PRO A 194 -15.09 -7.26 -20.70
N ALA A 195 -14.66 -7.73 -21.87
CA ALA A 195 -15.11 -7.17 -23.14
C ALA A 195 -16.56 -7.54 -23.42
N ALA A 196 -17.13 -6.91 -24.44
CA ALA A 196 -18.48 -7.23 -24.90
C ALA A 196 -18.60 -8.72 -25.19
N ASP A 197 -17.69 -9.21 -26.04
CA ASP A 197 -17.67 -10.63 -26.43
C ASP A 197 -17.30 -11.53 -25.26
N GLY A 198 -16.74 -10.94 -24.21
CA GLY A 198 -16.48 -11.71 -23.01
C GLY A 198 -15.02 -11.92 -22.71
N SER A 199 -14.13 -11.53 -23.61
CA SER A 199 -12.71 -11.64 -23.32
C SER A 199 -12.30 -10.69 -22.18
N TRP A 200 -11.04 -10.76 -21.78
CA TRP A 200 -10.55 -9.83 -20.79
C TRP A 200 -9.46 -8.98 -21.43
N GLN A 201 -9.60 -7.67 -21.25
CA GLN A 201 -8.62 -6.74 -21.76
C GLN A 201 -7.95 -6.08 -20.58
N VAL A 202 -6.63 -5.88 -20.68
CA VAL A 202 -5.91 -5.10 -19.67
C VAL A 202 -6.25 -3.65 -19.99
N HIS A 203 -7.06 -3.03 -19.14
CA HIS A 203 -7.38 -1.62 -19.29
C HIS A 203 -6.43 -0.65 -18.56
N GLY A 204 -5.75 -1.13 -17.52
CA GLY A 204 -4.85 -0.26 -16.79
C GLY A 204 -3.67 -1.00 -16.19
N VAL A 205 -2.54 -0.32 -16.06
CA VAL A 205 -1.50 -0.81 -15.16
C VAL A 205 -1.38 0.21 -14.02
N THR A 206 -1.38 -0.31 -12.80
CA THR A 206 -1.40 0.51 -11.59
C THR A 206 -0.24 1.50 -11.55
N SER A 207 -0.58 2.78 -11.41
CA SER A 207 0.43 3.81 -11.40
C SER A 207 0.60 4.37 -9.99
N PHE A 208 -0.44 4.97 -9.43
CA PHE A 208 -0.29 5.64 -8.15
C PHE A 208 -1.56 5.66 -7.32
N VAL A 209 -1.36 5.91 -6.02
CA VAL A 209 -2.42 5.97 -5.02
C VAL A 209 -2.19 7.25 -4.22
N SER A 210 -3.14 7.57 -3.36
CA SER A 210 -3.02 8.68 -2.44
C SER A 210 -1.72 8.59 -1.58
N ALA A 211 -1.28 9.72 -1.05
CA ALA A 211 -0.19 9.73 -0.07
C ALA A 211 -0.56 8.87 1.17
N PHE A 212 -1.84 8.72 1.46
CA PHE A 212 -2.23 7.92 2.62
C PHE A 212 -2.26 6.41 2.34
N GLY A 213 -2.03 6.03 1.08
CA GLY A 213 -1.96 4.62 0.73
C GLY A 213 -3.17 4.13 -0.03
N CYS A 214 -3.13 2.89 -0.48
CA CYS A 214 -4.29 2.31 -1.11
C CYS A 214 -5.41 2.25 -0.06
N ASN A 215 -6.65 2.13 -0.51
CA ASN A 215 -7.82 2.25 0.37
C ASN A 215 -7.94 3.58 1.10
N THR A 216 -7.81 4.70 0.38
CA THR A 216 -8.30 5.92 1.00
C THR A 216 -9.48 6.50 0.27
N ILE A 217 -10.46 6.88 1.08
CA ILE A 217 -11.75 7.26 0.55
C ILE A 217 -11.64 8.47 -0.39
N LYS A 218 -12.31 8.36 -1.53
CA LYS A 218 -12.31 9.37 -2.58
C LYS A 218 -10.97 9.55 -3.26
N LYS A 219 -10.02 8.65 -3.02
CA LYS A 219 -8.79 8.67 -3.79
C LYS A 219 -8.61 7.28 -4.42
N PRO A 220 -9.36 6.98 -5.50
CA PRO A 220 -9.21 5.71 -6.19
C PRO A 220 -7.81 5.48 -6.69
N THR A 221 -7.42 4.22 -6.81
CA THR A 221 -6.15 3.91 -7.44
C THR A 221 -6.17 4.43 -8.86
N VAL A 222 -5.08 5.03 -9.27
CA VAL A 222 -4.99 5.56 -10.62
C VAL A 222 -4.11 4.68 -11.48
N PHE A 223 -4.68 4.25 -12.60
CA PHE A 223 -4.04 3.33 -13.53
C PHE A 223 -3.69 4.09 -14.79
N THR A 224 -2.60 3.70 -15.43
CA THR A 224 -2.26 4.19 -16.78
C THR A 224 -3.24 3.55 -17.74
N ARG A 225 -3.99 4.38 -18.49
CA ARG A 225 -4.92 3.83 -19.48
C ARG A 225 -4.14 3.22 -20.68
N VAL A 226 -4.12 1.89 -20.72
CA VAL A 226 -3.42 1.17 -21.79
C VAL A 226 -3.99 1.52 -23.19
N SER A 227 -5.30 1.77 -23.29
CA SER A 227 -5.90 2.12 -24.57
C SER A 227 -5.37 3.44 -25.18
N ALA A 228 -4.62 4.22 -24.41
CA ALA A 228 -4.03 5.44 -24.93
C ALA A 228 -2.60 5.22 -25.44
N PHE A 229 -2.10 3.99 -25.33
CA PHE A 229 -0.71 3.72 -25.73
C PHE A 229 -0.53 2.53 -26.71
N ILE A 230 -1.63 2.07 -27.27
CA ILE A 230 -1.62 1.00 -28.24
C ILE A 230 -0.57 1.21 -29.34
N ASP A 231 -0.50 2.40 -29.92
CA ASP A 231 0.46 2.63 -30.99
C ASP A 231 1.86 2.26 -30.58
N TRP A 232 2.25 2.76 -29.43
CA TRP A 232 3.63 2.61 -29.00
C TRP A 232 3.91 1.15 -28.62
N ILE A 233 2.89 0.49 -28.08
CA ILE A 233 3.01 -0.92 -27.66
C ILE A 233 3.26 -1.79 -28.90
N ASP A 234 2.42 -1.62 -29.92
CA ASP A 234 2.55 -2.33 -31.20
C ASP A 234 3.86 -2.02 -31.87
N GLU A 235 4.16 -0.74 -32.01
CA GLU A 235 5.38 -0.36 -32.67
C GLU A 235 6.60 -0.93 -31.94
N THR A 236 6.52 -1.04 -30.62
CA THR A 236 7.64 -1.54 -29.81
C THR A 236 7.80 -3.05 -29.94
N ILE A 237 6.68 -3.75 -29.92
CA ILE A 237 6.67 -5.19 -29.98
C ILE A 237 7.13 -5.63 -31.39
N ALA A 238 6.65 -4.90 -32.40
CA ALA A 238 6.94 -5.24 -33.79
C ALA A 238 8.38 -5.00 -34.17
N SER A 239 9.04 -4.09 -33.45
CA SER A 239 10.43 -3.72 -33.70
C SER A 239 11.46 -4.61 -33.03
N ASN A 240 11.05 -5.39 -32.03
CA ASN A 240 11.98 -6.15 -31.21
C ASN A 240 11.64 -7.63 -31.11
N SER B 9 7.30 -12.55 21.78
CA SER B 9 6.94 -11.14 21.39
C SER B 9 5.42 -10.96 21.24
N TRP B 10 4.89 -10.13 22.14
CA TRP B 10 3.46 -9.86 22.23
C TRP B 10 3.19 -8.48 21.64
N SER B 11 1.92 -8.21 21.34
CA SER B 11 1.48 -6.85 20.97
C SER B 11 -0.01 -6.81 20.75
N TRP B 12 -0.59 -5.74 21.28
CA TRP B 12 -1.99 -5.43 21.08
C TRP B 12 -2.10 -4.68 19.76
N GLN B 13 -2.91 -5.22 18.86
CA GLN B 13 -3.05 -4.66 17.53
C GLN B 13 -4.43 -4.03 17.49
N VAL B 14 -4.49 -2.87 16.85
CA VAL B 14 -5.68 -2.05 16.86
C VAL B 14 -6.22 -1.90 15.44
N SER B 15 -7.51 -2.15 15.26
CA SER B 15 -8.19 -1.76 14.02
C SER B 15 -9.23 -0.69 14.35
N LEU B 16 -8.99 0.53 13.88
CA LEU B 16 -9.97 1.59 13.99
C LEU B 16 -10.90 1.47 12.80
N GLN B 17 -12.20 1.40 13.07
CA GLN B 17 -13.16 1.15 12.01
C GLN B 17 -14.31 2.18 11.99
N TYR B 18 -14.75 2.57 10.80
CA TYR B 18 -15.85 3.52 10.67
C TYR B 18 -17.03 2.82 10.04
N GLU B 19 -18.22 3.29 10.40
CA GLU B 19 -19.44 2.71 9.92
C GLU B 19 -19.83 3.37 8.62
N LYS B 20 -20.19 2.57 7.65
CA LYS B 20 -20.69 3.06 6.37
C LYS B 20 -21.57 1.97 5.79
N ASP B 21 -22.75 2.35 5.29
CA ASP B 21 -23.71 1.40 4.74
C ASP B 21 -24.06 0.29 5.74
N GLY B 22 -24.10 0.67 7.01
CA GLY B 22 -24.57 -0.25 8.02
C GLY B 22 -23.59 -1.29 8.51
N ALA B 23 -22.31 -1.12 8.18
CA ALA B 23 -21.29 -2.05 8.67
C ALA B 23 -20.03 -1.29 8.97
N PHE B 24 -19.13 -1.92 9.71
CA PHE B 24 -17.86 -1.32 10.09
C PHE B 24 -16.72 -1.71 9.17
N HIS B 25 -15.92 -0.72 8.84
CA HIS B 25 -14.85 -0.91 7.86
C HIS B 25 -13.54 -0.48 8.47
N HIS B 26 -12.54 -1.33 8.37
CA HIS B 26 -11.21 -0.97 8.83
C HIS B 26 -10.72 0.25 8.08
N THR B 27 -10.19 1.21 8.80
CA THR B 27 -9.55 2.32 8.13
C THR B 27 -8.10 2.56 8.54
N CYS B 28 -7.74 2.24 9.79
CA CYS B 28 -6.40 2.52 10.29
C CYS B 28 -6.04 1.60 11.42
N GLY B 29 -4.75 1.40 11.60
CA GLY B 29 -4.27 0.79 12.81
C GLY B 29 -4.03 1.91 13.82
N GLY B 30 -3.29 1.56 14.85
CA GLY B 30 -2.91 2.52 15.88
C GLY B 30 -2.21 1.77 16.99
N SER B 31 -1.97 2.47 18.08
CA SER B 31 -1.33 1.81 19.22
C SER B 31 -2.11 2.02 20.52
N LEU B 32 -2.30 0.94 21.26
CA LEU B 32 -2.98 0.98 22.54
C LEU B 32 -1.95 1.37 23.59
N ILE B 33 -2.03 2.63 24.02
CA ILE B 33 -1.04 3.22 24.92
C ILE B 33 -1.53 3.31 26.36
N ALA B 34 -2.80 3.00 26.54
CA ALA B 34 -3.43 2.94 27.86
C ALA B 34 -4.63 2.05 27.65
N PRO B 35 -5.19 1.50 28.74
CA PRO B 35 -6.35 0.59 28.68
C PRO B 35 -7.53 1.17 27.90
N ASP B 36 -7.64 2.50 27.87
CA ASP B 36 -8.70 3.13 27.09
C ASP B 36 -8.28 4.31 26.21
N TRP B 37 -7.02 4.31 25.78
CA TRP B 37 -6.53 5.29 24.82
C TRP B 37 -5.78 4.66 23.66
N VAL B 38 -6.09 5.10 22.44
CA VAL B 38 -5.37 4.65 21.26
C VAL B 38 -4.77 5.88 20.58
N VAL B 39 -3.49 5.82 20.18
CA VAL B 39 -2.95 6.87 19.32
C VAL B 39 -3.05 6.36 17.90
N THR B 40 -3.35 7.28 16.98
CA THR B 40 -3.37 6.90 15.60
C THR B 40 -3.05 8.14 14.75
N ALA B 41 -3.25 8.09 13.44
CA ALA B 41 -2.98 9.24 12.60
C ALA B 41 -4.23 10.11 12.56
N GLY B 42 -4.02 11.42 12.45
CA GLY B 42 -5.14 12.34 12.35
C GLY B 42 -5.95 12.15 11.05
N HIS B 43 -5.28 11.74 9.97
CA HIS B 43 -6.00 11.52 8.72
C HIS B 43 -7.00 10.36 8.79
N CYS B 44 -6.96 9.59 9.86
CA CYS B 44 -7.85 8.44 10.06
C CYS B 44 -9.23 8.88 10.58
N ILE B 45 -9.29 10.13 11.05
CA ILE B 45 -10.47 10.57 11.77
C ILE B 45 -11.30 11.53 10.97
N SER B 46 -12.58 11.22 10.88
CA SER B 46 -13.57 12.21 10.50
C SER B 46 -14.57 12.26 11.63
N THR B 47 -14.75 13.42 12.22
CA THR B 47 -15.53 13.52 13.44
C THR B 47 -17.03 13.27 13.20
N SER B 48 -17.45 13.29 11.95
CA SER B 48 -18.83 12.98 11.59
C SER B 48 -19.16 11.47 11.53
N ARG B 49 -18.13 10.62 11.49
CA ARG B 49 -18.32 9.18 11.35
C ARG B 49 -18.46 8.46 12.68
N THR B 50 -19.08 7.28 12.65
CA THR B 50 -19.23 6.45 13.83
C THR B 50 -18.08 5.42 13.82
N TYR B 51 -17.39 5.28 14.94
CA TYR B 51 -16.19 4.44 15.05
C TYR B 51 -16.33 3.34 16.08
N GLN B 52 -15.60 2.25 15.87
CA GLN B 52 -15.36 1.27 16.93
C GLN B 52 -13.91 0.85 16.74
N VAL B 53 -13.26 0.41 17.82
CA VAL B 53 -11.96 -0.21 17.63
C VAL B 53 -12.10 -1.69 17.91
N VAL B 54 -11.41 -2.47 17.09
CA VAL B 54 -11.31 -3.92 17.32
C VAL B 54 -9.88 -4.18 17.77
N LEU B 55 -9.73 -4.83 18.93
CA LEU B 55 -8.40 -5.08 19.48
C LEU B 55 -8.14 -6.58 19.48
N GLY B 56 -6.88 -6.94 19.29
CA GLY B 56 -6.49 -8.33 19.36
C GLY B 56 -5.08 -8.40 19.86
N GLU B 57 -4.80 -9.35 20.73
CA GLU B 57 -3.45 -9.53 21.21
C GLU B 57 -2.80 -10.66 20.41
N TYR B 58 -1.64 -10.38 19.84
CA TYR B 58 -0.97 -11.36 19.01
C TYR B 58 0.32 -11.77 19.68
N ASP B 59 0.65 -13.04 19.61
CA ASP B 59 1.94 -13.52 20.11
C ASP B 59 2.62 -14.22 18.99
N ARG B 60 3.80 -13.71 18.63
CA ARG B 60 4.59 -14.25 17.53
C ARG B 60 3.74 -14.37 16.25
N SER B 61 2.91 -13.34 16.02
CA SER B 61 2.07 -13.23 14.84
C SER B 61 0.80 -14.04 14.81
N VAL B 62 0.45 -14.66 15.93
CA VAL B 62 -0.82 -15.38 15.98
C VAL B 62 -1.77 -14.79 17.02
N LEU B 63 -3.04 -14.67 16.64
CA LEU B 63 -4.03 -14.07 17.54
C LEU B 63 -4.21 -14.94 18.75
N GLU B 64 -4.11 -14.34 19.92
CA GLU B 64 -4.42 -15.03 21.16
C GLU B 64 -5.90 -14.88 21.52
N GLY B 65 -6.61 -16.01 21.66
CA GLY B 65 -8.00 -15.96 22.02
C GLY B 65 -8.84 -15.22 20.97
N SER B 66 -9.76 -14.39 21.44
CA SER B 66 -10.71 -13.74 20.53
C SER B 66 -10.59 -12.24 20.64
N GLU B 67 -11.01 -11.55 19.59
CA GLU B 67 -10.94 -10.09 19.53
C GLU B 67 -11.87 -9.44 20.56
N GLN B 68 -11.61 -8.18 20.86
CA GLN B 68 -12.54 -7.35 21.63
C GLN B 68 -12.99 -6.17 20.77
N VAL B 69 -14.30 -5.93 20.72
CA VAL B 69 -14.85 -4.86 19.93
C VAL B 69 -15.38 -3.81 20.90
N ILE B 70 -14.85 -2.59 20.82
CA ILE B 70 -15.18 -1.54 21.79
C ILE B 70 -15.67 -0.31 21.03
N PRO B 71 -16.95 0.06 21.19
CA PRO B 71 -17.48 1.25 20.54
C PRO B 71 -16.76 2.51 21.03
N ILE B 72 -16.68 3.52 20.16
CA ILE B 72 -16.15 4.83 20.56
C ILE B 72 -17.34 5.83 20.72
N ASN B 73 -17.43 6.53 21.85
CA ASN B 73 -18.43 7.58 22.06
C ASN B 73 -18.26 8.71 21.06
N ALA B 74 -19.37 9.30 20.65
CA ALA B 74 -19.31 10.47 19.81
C ALA B 74 -18.56 11.50 20.67
N GLY B 75 -17.57 12.16 20.09
CA GLY B 75 -16.84 13.17 20.82
C GLY B 75 -15.57 12.65 21.47
N ASP B 76 -15.33 11.35 21.37
CA ASP B 76 -14.12 10.79 21.96
C ASP B 76 -13.00 10.57 20.95
N LEU B 77 -12.96 11.42 19.94
CA LEU B 77 -11.88 11.42 18.95
C LEU B 77 -11.26 12.80 18.95
N PHE B 78 -9.94 12.83 19.14
CA PHE B 78 -9.18 14.04 19.38
C PHE B 78 -8.08 14.14 18.36
N VAL B 79 -8.27 15.05 17.41
CA VAL B 79 -7.29 15.27 16.36
C VAL B 79 -6.40 16.45 16.78
N HIS B 80 -5.13 16.38 16.42
CA HIS B 80 -4.23 17.46 16.71
C HIS B 80 -4.74 18.73 16.00
N PRO B 81 -4.74 19.88 16.71
CA PRO B 81 -5.29 21.12 16.15
C PRO B 81 -4.59 21.62 14.87
N LEU B 82 -3.34 21.23 14.67
CA LEU B 82 -2.60 21.65 13.52
C LEU B 82 -2.70 20.66 12.37
N TRP B 83 -3.42 19.55 12.57
CA TRP B 83 -3.54 18.63 11.44
C TRP B 83 -4.39 19.25 10.35
N ASN B 84 -3.81 19.34 9.16
CA ASN B 84 -4.49 19.87 7.98
C ASN B 84 -4.31 18.84 6.84
N SER B 85 -5.39 18.17 6.46
CA SER B 85 -5.33 17.11 5.43
C SER B 85 -5.05 17.67 4.06
N ASN B 86 -5.15 18.98 3.92
CA ASN B 86 -4.72 19.59 2.68
C ASN B 86 -3.21 19.74 2.64
N CYS B 87 -2.53 19.51 3.76
CA CYS B 87 -1.07 19.63 3.79
C CYS B 87 -0.44 18.48 4.54
N VAL B 88 -0.33 17.33 3.88
CA VAL B 88 0.31 16.16 4.49
C VAL B 88 1.74 16.46 4.96
N ALA B 89 2.52 17.15 4.10
CA ALA B 89 3.91 17.45 4.37
C ALA B 89 4.09 18.45 5.52
N CYS B 90 3.00 19.13 5.92
CA CYS B 90 3.05 20.01 7.10
C CYS B 90 3.23 19.23 8.38
N GLY B 91 2.84 17.96 8.36
CA GLY B 91 2.96 17.14 9.56
C GLY B 91 1.76 17.30 10.47
N ASN B 92 1.97 16.99 11.75
CA ASN B 92 0.95 17.03 12.79
C ASN B 92 -0.14 16.01 12.59
N ASP B 93 0.19 14.91 11.89
CA ASP B 93 -0.78 13.88 11.55
C ASP B 93 -0.90 12.90 12.71
N ILE B 94 -1.64 13.29 13.71
CA ILE B 94 -1.75 12.48 14.90
C ILE B 94 -3.07 12.76 15.59
N ALA B 95 -3.57 11.74 16.29
CA ALA B 95 -4.89 11.78 16.88
C ALA B 95 -4.91 10.78 18.01
N LEU B 96 -5.81 11.03 18.94
CA LEU B 96 -6.08 10.12 20.01
C LEU B 96 -7.55 9.73 19.93
N VAL B 97 -7.82 8.51 20.36
CA VAL B 97 -9.16 7.95 20.38
C VAL B 97 -9.34 7.39 21.77
N LYS B 98 -10.35 7.89 22.49
CA LYS B 98 -10.66 7.32 23.78
C LYS B 98 -11.68 6.20 23.64
N LEU B 99 -11.39 5.09 24.30
CA LEU B 99 -12.28 3.91 24.24
C LEU B 99 -13.42 4.10 25.26
N SER B 100 -14.62 3.64 24.93
CA SER B 100 -15.78 3.88 25.79
C SER B 100 -15.69 3.04 27.06
N ARG B 101 -14.89 1.99 26.99
CA ARG B 101 -14.55 1.22 28.17
C ARG B 101 -13.13 0.72 28.00
N SER B 102 -12.49 0.31 29.09
CA SER B 102 -11.11 -0.17 29.04
C SER B 102 -11.03 -1.54 28.41
N ALA B 103 -9.98 -1.77 27.64
CA ALA B 103 -9.73 -3.08 27.06
C ALA B 103 -9.44 -4.06 28.18
N GLN B 104 -9.84 -5.30 27.98
CA GLN B 104 -9.52 -6.39 28.89
C GLN B 104 -8.12 -6.93 28.56
N LEU B 105 -7.16 -6.66 29.44
CA LEU B 105 -5.76 -6.94 29.13
C LEU B 105 -5.11 -8.23 29.64
N GLY B 106 -5.75 -8.92 30.57
CA GLY B 106 -5.14 -10.15 31.11
C GLY B 106 -3.84 -9.83 31.81
N ASP B 107 -2.70 -10.27 31.28
CA ASP B 107 -1.39 -9.80 31.75
C ASP B 107 -0.17 -10.25 30.90
N LYS B 108 -0.38 -10.47 29.60
CA LYS B 108 0.68 -10.96 28.70
C LYS B 108 1.50 -9.86 27.98
N VAL B 109 0.87 -9.19 27.02
CA VAL B 109 1.50 -8.05 26.36
C VAL B 109 1.24 -6.81 27.21
N GLN B 110 2.33 -6.21 27.70
CA GLN B 110 2.26 -4.90 28.33
C GLN B 110 1.97 -3.92 27.20
N LEU B 111 1.45 -2.76 27.55
CA LEU B 111 1.07 -1.81 26.52
C LEU B 111 2.30 -1.18 25.89
N ALA B 112 2.13 -0.70 24.66
CA ALA B 112 3.15 0.09 24.00
C ALA B 112 3.39 1.33 24.85
N ASN B 113 4.66 1.63 25.07
CA ASN B 113 5.02 2.80 25.85
C ASN B 113 5.25 3.97 24.93
N LEU B 114 4.96 5.16 25.43
CA LEU B 114 5.31 6.39 24.72
C LEU B 114 6.78 6.63 24.93
N PRO B 115 7.46 7.12 23.89
CA PRO B 115 8.87 7.51 24.03
C PRO B 115 8.98 8.77 24.90
N PRO B 116 10.18 9.04 25.46
CA PRO B 116 10.41 10.33 26.13
C PRO B 116 10.13 11.47 25.14
N ALA B 117 9.57 12.57 25.65
CA ALA B 117 9.41 13.75 24.83
C ALA B 117 10.76 14.19 24.22
N GLY B 118 10.77 14.40 22.91
CA GLY B 118 12.00 14.81 22.25
C GLY B 118 12.95 13.70 21.84
N ASP B 119 12.60 12.44 22.14
CA ASP B 119 13.47 11.29 21.84
C ASP B 119 13.63 11.06 20.31
N ILE B 120 14.88 11.11 19.86
CA ILE B 120 15.21 10.91 18.44
C ILE B 120 15.92 9.56 18.29
N LEU B 121 15.55 8.83 17.23
CA LEU B 121 16.10 7.49 16.97
C LEU B 121 17.38 7.63 16.18
N PRO B 122 18.34 6.72 16.39
CA PRO B 122 19.49 6.71 15.48
C PRO B 122 19.16 6.21 14.07
N ASN B 123 19.94 6.68 13.11
CA ASN B 123 19.91 6.14 11.77
C ASN B 123 20.16 4.64 11.87
N GLU B 124 19.33 3.90 11.15
CA GLU B 124 19.39 2.42 11.05
C GLU B 124 18.87 1.70 12.25
N ALA B 125 18.17 2.40 13.15
CA ALA B 125 17.64 1.73 14.34
C ALA B 125 16.66 0.66 13.92
N PRO B 126 16.79 -0.54 14.53
CA PRO B 126 15.96 -1.68 14.18
C PRO B 126 14.58 -1.56 14.80
N CYS B 127 13.66 -0.93 14.08
CA CYS B 127 12.27 -0.86 14.52
C CYS B 127 11.42 -1.81 13.68
N TYR B 128 10.18 -2.01 14.11
CA TYR B 128 9.30 -3.00 13.53
C TYR B 128 7.95 -2.39 13.27
N ILE B 129 7.33 -2.83 12.18
CA ILE B 129 5.93 -2.54 11.91
C ILE B 129 5.19 -3.87 11.90
N SER B 130 3.93 -3.80 12.31
CA SER B 130 3.07 -4.98 12.30
C SER B 130 1.70 -4.49 11.96
N GLY B 131 0.96 -5.33 11.24
CA GLY B 131 -0.37 -4.95 10.85
C GLY B 131 -0.85 -6.01 9.90
N TRP B 132 -1.89 -5.69 9.18
CA TRP B 132 -2.49 -6.64 8.24
C TRP B 132 -2.25 -6.31 6.77
N GLY B 133 -1.31 -5.40 6.53
CA GLY B 133 -0.96 -5.03 5.18
C GLY B 133 -2.09 -4.40 4.39
N ARG B 134 -3.02 -3.73 5.06
CA ARG B 134 -4.15 -3.07 4.40
C ARG B 134 -5.08 -4.05 3.68
N LEU B 135 -4.93 -5.33 4.02
CA LEU B 135 -5.75 -6.35 3.40
C LEU B 135 -6.97 -6.69 4.23
N TYR B 136 -6.91 -6.36 5.52
CA TYR B 136 -8.05 -6.55 6.42
C TYR B 136 -8.99 -5.36 6.30
N THR B 137 -10.24 -5.62 5.89
CA THR B 137 -11.16 -4.52 5.63
C THR B 137 -12.29 -4.49 6.64
N GLY B 138 -12.36 -5.46 7.52
CA GLY B 138 -13.52 -5.58 8.41
C GLY B 138 -13.89 -7.03 8.65
N GLY B 139 -14.74 -7.24 9.62
CA GLY B 139 -15.09 -8.58 10.04
C GLY B 139 -14.17 -9.10 11.14
N PRO B 140 -14.17 -10.42 11.35
CA PRO B 140 -13.33 -11.01 12.38
C PRO B 140 -11.88 -10.70 12.11
N LEU B 141 -11.21 -10.26 13.15
CA LEU B 141 -9.78 -9.96 13.11
C LEU B 141 -9.00 -11.17 12.57
N PRO B 142 -8.04 -10.91 11.66
CA PRO B 142 -7.23 -11.96 11.06
C PRO B 142 -6.51 -12.77 12.13
N ASP B 143 -6.39 -14.07 11.91
CA ASP B 143 -5.72 -14.92 12.85
C ASP B 143 -4.24 -14.64 12.88
N LYS B 144 -3.73 -14.12 11.77
CA LYS B 144 -2.29 -13.85 11.63
C LYS B 144 -1.96 -12.38 11.42
N LEU B 145 -0.83 -11.98 11.99
CA LEU B 145 -0.33 -10.62 11.91
C LEU B 145 0.91 -10.64 11.00
N GLN B 146 1.06 -9.58 10.22
CA GLN B 146 2.25 -9.37 9.38
C GLN B 146 3.16 -8.50 10.23
N GLN B 147 4.44 -8.82 10.27
CA GLN B 147 5.39 -8.06 11.03
C GLN B 147 6.65 -8.01 10.20
N ALA B 148 7.36 -6.90 10.26
CA ALA B 148 8.57 -6.77 9.43
C ALA B 148 9.52 -5.80 10.11
N LEU B 149 10.81 -6.05 9.97
CA LEU B 149 11.81 -5.10 10.47
C LEU B 149 11.83 -3.95 9.47
N LEU B 150 11.73 -2.72 9.98
CA LEU B 150 11.79 -1.55 9.11
C LEU B 150 12.77 -0.53 9.70
N PRO B 151 14.04 -0.58 9.29
CA PRO B 151 15.07 0.27 9.93
C PRO B 151 14.84 1.77 9.69
N THR B 152 15.16 2.56 10.70
CA THR B 152 14.98 3.99 10.61
C THR B 152 15.99 4.67 9.70
N VAL B 153 15.49 5.66 8.97
CA VAL B 153 16.30 6.55 8.13
C VAL B 153 16.22 7.91 8.81
N ASP B 154 17.31 8.38 9.40
CA ASP B 154 17.19 9.58 10.20
C ASP B 154 16.86 10.79 9.31
N TYR B 155 16.51 11.91 9.93
CA TYR B 155 16.14 13.11 9.18
C TYR B 155 17.21 13.60 8.17
N GLU B 156 18.47 13.54 8.56
CA GLU B 156 19.58 13.90 7.67
C GLU B 156 19.52 13.09 6.37
N HIS B 157 19.28 11.79 6.48
CA HIS B 157 19.29 10.93 5.29
C HIS B 157 17.96 10.97 4.55
N CYS B 158 16.89 11.05 5.32
CA CYS B 158 15.57 11.04 4.71
C CYS B 158 15.29 12.33 3.93
N SER B 159 15.89 13.44 4.36
CA SER B 159 15.69 14.76 3.74
C SER B 159 16.60 14.97 2.54
N GLN B 160 17.39 13.96 2.17
CA GLN B 160 18.18 14.02 0.95
C GLN B 160 17.27 14.32 -0.22
N TRP B 161 17.78 15.06 -1.19
CA TRP B 161 16.95 15.52 -2.30
C TRP B 161 16.32 14.37 -3.07
N ASP B 162 17.06 13.27 -3.18
CA ASP B 162 16.63 12.07 -3.90
C ASP B 162 15.80 11.07 -3.08
N TRP B 163 15.72 11.30 -1.75
CA TRP B 163 14.81 10.58 -0.86
C TRP B 163 13.51 11.40 -0.74
N TRP B 164 13.22 11.98 0.41
CA TRP B 164 12.00 12.78 0.53
C TRP B 164 12.23 14.28 0.44
N GLY B 165 13.49 14.69 0.44
CA GLY B 165 13.79 16.11 0.35
C GLY B 165 13.10 17.00 1.37
N ILE B 166 12.42 18.03 0.86
CA ILE B 166 11.79 19.06 1.69
C ILE B 166 10.46 18.61 2.29
N THR B 167 9.95 17.51 1.77
CA THR B 167 8.67 17.00 2.22
C THR B 167 8.69 16.55 3.68
N VAL B 168 9.79 15.92 4.10
CA VAL B 168 9.83 15.42 5.47
C VAL B 168 10.29 16.50 6.42
N LYS B 169 9.67 16.51 7.59
CA LYS B 169 9.99 17.47 8.65
C LYS B 169 10.68 16.75 9.80
N LYS B 170 11.22 17.54 10.72
CA LYS B 170 11.87 16.97 11.88
C LYS B 170 10.85 16.35 12.84
N THR B 171 9.56 16.61 12.60
CA THR B 171 8.53 16.03 13.46
C THR B 171 8.06 14.66 12.94
N MET B 172 8.77 14.13 11.95
CA MET B 172 8.44 12.85 11.31
C MET B 172 9.59 11.87 11.44
N VAL B 173 9.25 10.59 11.35
CA VAL B 173 10.25 9.52 11.33
C VAL B 173 10.12 8.81 9.99
N CYS B 174 11.23 8.52 9.34
CA CYS B 174 11.18 7.68 8.15
C CYS B 174 11.69 6.30 8.51
N ALA B 175 11.16 5.30 7.84
CA ALA B 175 11.70 3.96 7.99
C ALA B 175 11.51 3.16 6.71
N GLY B 176 12.56 2.45 6.31
CA GLY B 176 12.52 1.63 5.12
C GLY B 176 13.18 2.32 3.94
N GLY B 177 12.58 2.21 2.76
CA GLY B 177 13.13 2.87 1.57
C GLY B 177 14.14 2.09 0.77
N ASP B 178 14.46 0.90 1.26
CA ASP B 178 15.36 0.01 0.56
C ASP B 178 14.66 -1.33 0.26
N THR B 179 15.32 -2.43 0.61
CA THR B 179 14.83 -3.75 0.24
C THR B 179 13.70 -4.18 1.14
N ARG B 180 13.67 -3.61 2.35
CA ARG B 180 12.66 -3.95 3.34
C ARG B 180 11.46 -3.06 3.14
N SER B 181 10.38 -3.71 2.74
CA SER B 181 9.11 -3.06 2.39
C SER B 181 8.34 -2.69 3.66
N GLY B 182 7.59 -1.61 3.56
CA GLY B 182 6.73 -1.20 4.65
C GLY B 182 5.30 -1.61 4.34
N CYS B 183 5.12 -2.55 3.42
CA CYS B 183 3.77 -2.91 3.03
C CYS B 183 2.99 -3.75 4.03
N ASN B 184 3.67 -4.27 5.05
CA ASN B 184 2.95 -5.04 6.07
C ASN B 184 2.11 -4.17 7.03
N GLY B 185 2.44 -2.88 7.12
CA GLY B 185 1.72 -1.99 8.02
C GLY B 185 0.37 -1.48 7.55
N ASP B 186 -0.30 -0.75 8.42
CA ASP B 186 -1.59 -0.17 8.05
C ASP B 186 -1.49 1.32 8.14
N SER B 187 -2.40 1.99 7.45
CA SER B 187 -2.52 3.42 7.57
C SER B 187 -2.70 3.76 9.08
N GLY B 188 -1.97 4.78 9.56
CA GLY B 188 -2.01 5.09 10.96
C GLY B 188 -1.33 4.05 11.84
N GLY B 189 -0.72 3.01 11.26
CA GLY B 189 -0.18 1.95 12.08
C GLY B 189 1.13 2.28 12.78
N PRO B 190 1.49 1.60 13.89
CA PRO B 190 2.64 2.04 14.70
C PRO B 190 3.98 1.57 14.15
N LEU B 191 5.01 2.36 14.44
CA LEU B 191 6.41 1.98 14.29
C LEU B 191 6.90 1.75 15.72
N ASN B 192 7.24 0.51 16.04
CA ASN B 192 7.58 0.13 17.38
C ASN B 192 9.07 -0.12 17.44
N CYS B 193 9.72 0.51 18.41
CA CYS B 193 11.17 0.38 18.55
C CYS B 193 11.54 -0.13 19.95
N PRO B 194 12.61 -0.93 20.01
CA PRO B 194 13.14 -1.37 21.31
C PRO B 194 13.94 -0.25 21.98
N ALA B 195 13.63 -0.01 23.25
CA ALA B 195 14.31 1.02 24.05
C ALA B 195 15.51 0.38 24.74
N ALA B 196 16.50 1.19 25.11
CA ALA B 196 17.68 0.70 25.80
C ALA B 196 17.38 -0.33 26.90
N ASP B 197 16.27 -0.15 27.61
CA ASP B 197 15.89 -1.00 28.74
C ASP B 197 15.31 -2.36 28.33
N GLY B 198 15.11 -2.56 27.04
CA GLY B 198 14.44 -3.75 26.58
C GLY B 198 12.92 -3.64 26.44
N SER B 199 12.32 -2.50 26.79
CA SER B 199 10.89 -2.31 26.54
C SER B 199 10.66 -1.81 25.11
N TRP B 200 9.45 -1.95 24.61
CA TRP B 200 9.10 -1.48 23.29
C TRP B 200 8.30 -0.19 23.38
N GLN B 201 8.66 0.76 22.53
CA GLN B 201 8.01 2.08 22.50
C GLN B 201 7.43 2.36 21.11
N VAL B 202 6.28 3.03 21.07
CA VAL B 202 5.76 3.51 19.79
C VAL B 202 6.41 4.81 19.46
N HIS B 203 7.24 4.81 18.43
CA HIS B 203 7.87 6.04 18.02
C HIS B 203 7.18 6.73 16.85
N GLY B 204 6.26 6.04 16.19
CA GLY B 204 5.68 6.65 15.01
C GLY B 204 4.30 6.10 14.75
N VAL B 205 3.47 6.90 14.07
CA VAL B 205 2.23 6.38 13.50
C VAL B 205 2.24 6.73 12.03
N THR B 206 1.95 5.73 11.20
CA THR B 206 2.09 5.89 9.78
C THR B 206 1.29 7.06 9.19
N SER B 207 1.98 7.98 8.55
CA SER B 207 1.28 9.10 7.95
C SER B 207 1.10 8.94 6.44
N PHE B 208 2.20 8.88 5.73
CA PHE B 208 2.13 8.81 4.26
C PHE B 208 3.23 7.98 3.63
N VAL B 209 2.95 7.57 2.39
CA VAL B 209 3.87 6.82 1.55
C VAL B 209 3.99 7.56 0.20
N SER B 210 4.98 7.17 -0.59
CA SER B 210 5.12 7.67 -1.96
C SER B 210 3.83 7.39 -2.76
N ALA B 211 3.63 8.16 -3.83
CA ALA B 211 2.53 7.94 -4.77
C ALA B 211 2.57 6.54 -5.40
N PHE B 212 3.76 5.93 -5.45
CA PHE B 212 3.90 4.59 -6.00
C PHE B 212 3.58 3.51 -5.00
N GLY B 213 3.40 3.90 -3.74
CA GLY B 213 3.00 2.95 -2.72
C GLY B 213 4.06 2.63 -1.67
N CYS B 214 3.78 1.59 -0.90
CA CYS B 214 4.56 1.25 0.28
C CYS B 214 5.95 0.62 0.08
N ASN B 215 6.25 0.12 -1.10
CA ASN B 215 7.54 -0.53 -1.28
C ASN B 215 8.31 0.15 -2.42
N THR B 216 8.62 1.41 -2.18
CA THR B 216 9.26 2.27 -3.18
C THR B 216 10.66 2.65 -2.71
N ILE B 217 11.66 2.37 -3.55
CA ILE B 217 13.03 2.67 -3.21
C ILE B 217 13.24 4.17 -3.09
N LYS B 218 13.89 4.55 -1.99
CA LYS B 218 14.25 5.91 -1.63
C LYS B 218 13.03 6.76 -1.28
N LYS B 219 11.92 6.09 -1.01
CA LYS B 219 10.73 6.76 -0.43
C LYS B 219 10.25 5.93 0.76
N PRO B 220 11.01 5.97 1.87
CA PRO B 220 10.58 5.29 3.09
C PRO B 220 9.17 5.72 3.53
N THR B 221 8.48 4.84 4.22
CA THR B 221 7.20 5.21 4.81
C THR B 221 7.51 6.33 5.79
N VAL B 222 6.61 7.30 5.86
CA VAL B 222 6.81 8.44 6.74
C VAL B 222 5.80 8.41 7.87
N PHE B 223 6.32 8.38 9.08
CA PHE B 223 5.53 8.33 10.30
C PHE B 223 5.54 9.69 10.99
N THR B 224 4.46 9.98 11.71
CA THR B 224 4.46 11.13 12.59
C THR B 224 5.33 10.75 13.78
N ARG B 225 6.28 11.62 14.13
CA ARG B 225 7.16 11.33 15.27
C ARG B 225 6.43 11.57 16.61
N VAL B 226 6.06 10.47 17.27
CA VAL B 226 5.27 10.52 18.51
C VAL B 226 5.92 11.37 19.61
N SER B 227 7.25 11.31 19.67
CA SER B 227 7.98 12.03 20.70
C SER B 227 7.92 13.56 20.52
N ALA B 228 7.44 14.03 19.38
CA ALA B 228 7.27 15.46 19.14
C ALA B 228 5.94 15.97 19.68
N PHE B 229 5.06 15.06 20.08
CA PHE B 229 3.69 15.41 20.50
C PHE B 229 3.29 14.90 21.89
N ILE B 230 4.28 14.69 22.75
CA ILE B 230 4.05 14.12 24.08
C ILE B 230 3.32 15.12 24.97
N ASP B 231 3.59 16.40 24.77
CA ASP B 231 2.92 17.44 25.56
C ASP B 231 1.42 17.39 25.25
N TRP B 232 1.09 17.33 23.97
CA TRP B 232 -0.31 17.33 23.53
C TRP B 232 -1.01 16.03 23.91
N ILE B 233 -0.32 14.91 23.72
CA ILE B 233 -0.89 13.62 24.09
C ILE B 233 -1.20 13.60 25.57
N ASP B 234 -0.20 13.92 26.37
CA ASP B 234 -0.36 13.92 27.81
C ASP B 234 -1.48 14.86 28.28
N GLU B 235 -1.53 16.06 27.70
CA GLU B 235 -2.55 17.05 28.08
C GLU B 235 -3.96 16.55 27.74
N THR B 236 -4.11 15.93 26.58
CA THR B 236 -5.39 15.44 26.12
C THR B 236 -5.90 14.30 26.98
N ILE B 237 -5.00 13.39 27.33
CA ILE B 237 -5.36 12.29 28.20
C ILE B 237 -5.71 12.75 29.63
N ALA B 238 -4.90 13.65 30.18
CA ALA B 238 -5.13 14.14 31.55
C ALA B 238 -6.44 14.91 31.69
N SER B 239 -6.91 15.47 30.59
CA SER B 239 -8.08 16.34 30.58
C SER B 239 -9.38 15.61 30.20
N ASN B 240 -9.26 14.41 29.68
CA ASN B 240 -10.43 13.73 29.13
C ASN B 240 -10.63 12.35 29.73
#